data_1Y8P
#
_entry.id   1Y8P
#
_cell.length_a   120.904
_cell.length_b   120.904
_cell.length_c   240.085
_cell.angle_alpha   90.00
_cell.angle_beta   90.00
_cell.angle_gamma   120.00
#
_symmetry.space_group_name_H-M   'P 65 2 2'
#
loop_
_entity.id
_entity.type
_entity.pdbx_description
1 polymer '[Pyruvate dehydrogenase [lipoamide]] kinase isozyme 3'
2 polymer 'Dihydrolipoyllysine-residue acetyltransferase component of pyruvate dehydrogenase complex'
3 non-polymer 'MAGNESIUM ION'
4 non-polymer 'POTASSIUM ION'
5 non-polymer "ADENOSINE-5'-TRIPHOSPHATE"
6 non-polymer 'DIHYDROLIPOIC ACID'
7 water water
#
loop_
_entity_poly.entity_id
_entity_poly.type
_entity_poly.pdbx_seq_one_letter_code
_entity_poly.pdbx_strand_id
1 'polypeptide(L)'
;GGSHHHHHHGMARLENLYFQGKQPVPKQIERYSRFSPSPLSIKQFLDFGRDNACEKTSYMFLRKELPVRLANTMREVNLL
PDNLLNRPSVGLVQSWYMQSFLELLEYENKSPEDPQVLDNFLQVLIKVRNRHNDVVPTMAQGVIEYKEKFGFDPFISTNI
QYFLDRFYTNRISFRMLINQHTLLFGGDTNPVHPKHIGSIDPTCNVADVVKDAYETAKMLCEQYYLVAPELEVEEFNAKA
PDKPIQVVYVPSHLFHMLFELFKNSMRATVELYEDRKEGYPAVKTLVTLGKEDLSIKISDLGGGVPLRKIDRLFNYMYST
APRPSLEPTRAAPLAGFGYGLPISRLYARYFQGDLKLYSMEGVGTDAVIYLKALSSESFERLPVFNKSAWRHYKTTPEAD
DWSNPSSEPRDASKYKAKQ
;
A
2 'polypeptide(L)'
;GGSHHHHHHGMARLENLYFQGSSYPPHMQVLLPALSPTMTMGTVQRWEKKVGEKLSEGDLLAEIETDKATIGFEVQEEGY
LAKILVPEGTRDVPLGTPLCIIVEKEADISAFADYRPTEVTDLKPQVP
;
B
#
# COMPACT_ATOMS: atom_id res chain seq x y z
N VAL A 25 -21.87 -16.46 -0.10
CA VAL A 25 -20.79 -16.36 0.95
C VAL A 25 -20.45 -14.89 1.35
N PRO A 26 -21.43 -13.95 1.27
CA PRO A 26 -20.97 -12.54 1.38
C PRO A 26 -20.76 -12.14 2.82
N LYS A 27 -21.36 -12.87 3.75
CA LYS A 27 -21.17 -12.61 5.17
C LYS A 27 -19.73 -12.83 5.58
N GLN A 28 -19.09 -13.82 4.97
CA GLN A 28 -17.68 -14.08 5.21
C GLN A 28 -16.87 -12.90 4.72
N ILE A 29 -17.32 -12.27 3.62
CA ILE A 29 -16.59 -11.11 3.12
C ILE A 29 -16.77 -9.94 4.04
N GLU A 30 -18.01 -9.67 4.44
CA GLU A 30 -18.26 -8.60 5.38
C GLU A 30 -17.36 -8.73 6.59
N ARG A 31 -17.35 -9.91 7.18
CA ARG A 31 -16.64 -10.14 8.41
C ARG A 31 -15.13 -9.93 8.26
N TYR A 32 -14.54 -10.63 7.31
CA TYR A 32 -13.11 -10.48 7.09
C TYR A 32 -12.77 -9.08 6.66
N SER A 33 -13.62 -8.42 5.89
CA SER A 33 -13.31 -7.04 5.51
C SER A 33 -13.25 -6.13 6.73
N ARG A 34 -13.91 -6.50 7.81
CA ARG A 34 -13.90 -5.72 9.06
C ARG A 34 -12.70 -6.02 9.97
N PHE A 35 -11.99 -7.13 9.74
CA PHE A 35 -10.75 -7.39 10.44
C PHE A 35 -9.67 -6.41 9.99
N SER A 36 -8.76 -6.02 10.87
CA SER A 36 -7.62 -5.22 10.45
C SER A 36 -6.45 -6.08 9.94
N PRO A 37 -5.82 -5.68 8.83
CA PRO A 37 -4.57 -6.31 8.37
C PRO A 37 -3.49 -6.21 9.44
N SER A 38 -2.56 -7.16 9.41
CA SER A 38 -1.46 -7.21 10.36
C SER A 38 -0.14 -6.86 9.62
N PRO A 39 0.27 -5.60 9.68
CA PRO A 39 1.47 -5.21 8.94
C PRO A 39 2.71 -5.81 9.61
N LEU A 40 3.59 -6.36 8.78
CA LEU A 40 4.84 -6.95 9.21
C LEU A 40 6.05 -6.10 8.80
N SER A 41 7.10 -6.13 9.62
CA SER A 41 8.35 -5.42 9.31
C SER A 41 9.33 -6.37 8.65
N ILE A 42 10.22 -5.79 7.84
CA ILE A 42 11.31 -6.56 7.24
C ILE A 42 12.08 -7.35 8.31
N LYS A 43 12.39 -6.69 9.44
CA LYS A 43 12.96 -7.38 10.60
C LYS A 43 12.23 -8.69 10.92
N GLN A 44 10.89 -8.62 11.07
CA GLN A 44 10.10 -9.81 11.39
C GLN A 44 10.24 -10.90 10.33
N PHE A 45 10.10 -10.53 9.06
CA PHE A 45 10.31 -11.51 7.97
C PHE A 45 11.67 -12.18 8.07
N LEU A 46 12.68 -11.36 8.30
CA LEU A 46 14.05 -11.82 8.41
C LEU A 46 14.25 -12.65 9.67
N ASP A 47 13.79 -12.18 10.83
CA ASP A 47 13.93 -12.95 12.07
C ASP A 47 13.16 -14.26 11.99
N PHE A 48 11.96 -14.21 11.44
CA PHE A 48 11.22 -15.45 11.25
C PHE A 48 11.99 -16.44 10.38
N GLY A 49 12.44 -15.99 9.21
CA GLY A 49 13.12 -16.86 8.27
C GLY A 49 14.46 -17.40 8.76
N ARG A 50 15.26 -16.55 9.38
CA ARG A 50 16.61 -16.91 9.83
C ARG A 50 16.52 -17.79 11.06
N ASP A 51 16.05 -17.20 12.16
CA ASP A 51 16.15 -17.81 13.50
C ASP A 51 15.06 -18.87 13.76
N ASN A 52 13.85 -18.58 13.35
CA ASN A 52 12.74 -19.50 13.53
C ASN A 52 12.56 -20.49 12.36
N ALA A 53 11.78 -20.08 11.35
CA ALA A 53 11.44 -20.91 10.18
C ALA A 53 10.61 -22.15 10.57
N CYS A 54 9.50 -21.89 11.25
CA CYS A 54 8.55 -22.92 11.63
C CYS A 54 7.38 -22.88 10.68
N GLU A 55 7.23 -23.92 9.87
CA GLU A 55 6.18 -23.94 8.86
C GLU A 55 4.78 -23.78 9.46
N LYS A 56 4.53 -24.46 10.58
CA LYS A 56 3.26 -24.37 11.33
C LYS A 56 2.88 -22.92 11.62
N THR A 57 3.83 -22.15 12.18
CA THR A 57 3.60 -20.76 12.55
C THR A 57 3.17 -19.93 11.33
N SER A 58 3.89 -20.12 10.22
CA SER A 58 3.62 -19.38 9.00
C SER A 58 2.21 -19.68 8.51
N TYR A 59 1.86 -20.96 8.58
CA TYR A 59 0.56 -21.44 8.15
C TYR A 59 -0.56 -20.84 9.00
N MET A 60 -0.36 -20.79 10.31
CA MET A 60 -1.37 -20.25 11.22
C MET A 60 -1.61 -18.79 10.90
N PHE A 61 -0.56 -18.13 10.45
CA PHE A 61 -0.63 -16.70 10.20
C PHE A 61 -1.33 -16.42 8.88
N LEU A 62 -0.81 -17.04 7.82
CA LEU A 62 -1.26 -16.83 6.45
C LEU A 62 -2.70 -17.28 6.18
N ARG A 63 -3.10 -18.40 6.75
CA ARG A 63 -4.45 -18.90 6.45
C ARG A 63 -5.47 -17.87 6.92
N LYS A 64 -5.06 -17.02 7.85
CA LYS A 64 -5.94 -15.98 8.32
C LYS A 64 -5.67 -14.62 7.68
N GLU A 65 -4.40 -14.30 7.51
CA GLU A 65 -4.02 -12.98 7.02
C GLU A 65 -4.42 -12.80 5.56
N LEU A 66 -4.26 -13.83 4.75
CA LEU A 66 -4.54 -13.64 3.33
C LEU A 66 -6.00 -13.27 3.07
N PRO A 67 -6.94 -14.07 3.64
CA PRO A 67 -8.36 -13.75 3.54
C PRO A 67 -8.68 -12.36 4.08
N VAL A 68 -8.02 -11.92 5.15
CA VAL A 68 -8.31 -10.58 5.68
C VAL A 68 -7.97 -9.57 4.60
N ARG A 69 -6.75 -9.68 4.07
CA ARG A 69 -6.26 -8.70 3.09
C ARG A 69 -7.11 -8.70 1.82
N LEU A 70 -7.34 -9.89 1.25
CA LEU A 70 -8.30 -10.04 0.15
C LEU A 70 -9.66 -9.39 0.41
N ALA A 71 -10.26 -9.64 1.58
CA ALA A 71 -11.61 -9.12 1.85
C ALA A 71 -11.60 -7.61 1.96
N ASN A 72 -10.53 -7.07 2.52
CA ASN A 72 -10.41 -5.62 2.60
C ASN A 72 -10.44 -4.98 1.21
N THR A 73 -9.71 -5.56 0.27
CA THR A 73 -9.75 -5.08 -1.08
C THR A 73 -11.09 -5.26 -1.81
N MET A 74 -11.66 -6.47 -1.76
CA MET A 74 -12.94 -6.73 -2.39
C MET A 74 -14.05 -5.79 -1.98
N ARG A 75 -14.06 -5.44 -0.71
CA ARG A 75 -15.01 -4.51 -0.19
C ARG A 75 -14.88 -3.19 -0.93
N GLU A 76 -13.66 -2.78 -1.20
CA GLU A 76 -13.39 -1.55 -1.95
C GLU A 76 -13.73 -1.64 -3.43
N VAL A 77 -13.43 -2.77 -4.06
CA VAL A 77 -13.76 -2.86 -5.48
C VAL A 77 -15.26 -2.76 -5.67
N ASN A 78 -16.01 -3.29 -4.71
CA ASN A 78 -17.45 -3.14 -4.70
C ASN A 78 -18.02 -1.73 -4.62
N LEU A 79 -17.20 -0.76 -4.26
CA LEU A 79 -17.62 0.62 -4.12
C LEU A 79 -17.31 1.46 -5.37
N LEU A 80 -16.74 0.84 -6.38
CA LEU A 80 -16.40 1.54 -7.63
C LEU A 80 -17.69 1.95 -8.36
N PRO A 81 -17.66 3.03 -9.15
CA PRO A 81 -18.84 3.40 -9.96
C PRO A 81 -19.36 2.21 -10.75
N ASP A 82 -20.67 2.12 -10.93
CA ASP A 82 -21.25 0.91 -11.50
C ASP A 82 -20.75 0.69 -12.90
N ASN A 83 -20.52 1.78 -13.64
CA ASN A 83 -20.02 1.64 -15.00
C ASN A 83 -18.61 1.05 -15.15
N LEU A 84 -17.83 1.10 -14.08
CA LEU A 84 -16.54 0.42 -14.04
C LEU A 84 -16.69 -1.00 -13.53
N LEU A 85 -17.37 -1.16 -12.41
CA LEU A 85 -17.79 -2.49 -11.94
C LEU A 85 -18.39 -3.38 -13.04
N ASN A 86 -19.09 -2.76 -13.98
CA ASN A 86 -19.70 -3.48 -15.10
C ASN A 86 -18.78 -4.04 -16.18
N ARG A 87 -17.53 -3.59 -16.24
CA ARG A 87 -16.69 -4.07 -17.35
C ARG A 87 -16.36 -5.54 -17.12
N PRO A 88 -16.47 -6.37 -18.17
CA PRO A 88 -16.04 -7.76 -18.07
C PRO A 88 -14.77 -7.94 -17.21
N SER A 89 -13.74 -7.14 -17.47
CA SER A 89 -12.45 -7.28 -16.80
C SER A 89 -12.52 -7.12 -15.28
N VAL A 90 -13.32 -6.17 -14.80
CA VAL A 90 -13.44 -5.96 -13.35
C VAL A 90 -14.16 -7.17 -12.70
N GLY A 91 -15.17 -7.69 -13.39
CA GLY A 91 -15.83 -8.92 -12.98
C GLY A 91 -14.88 -10.08 -12.84
N LEU A 92 -14.02 -10.27 -13.82
CA LEU A 92 -13.02 -11.32 -13.77
C LEU A 92 -12.12 -11.21 -12.54
N VAL A 93 -11.58 -10.02 -12.29
CA VAL A 93 -10.77 -9.79 -11.11
C VAL A 93 -11.54 -10.16 -9.84
N GLN A 94 -12.76 -9.64 -9.71
CA GLN A 94 -13.62 -10.04 -8.60
C GLN A 94 -13.75 -11.54 -8.44
N SER A 95 -14.09 -12.25 -9.51
CA SER A 95 -14.25 -13.69 -9.33
C SER A 95 -12.95 -14.37 -8.92
N TRP A 96 -11.83 -13.97 -9.51
CA TRP A 96 -10.52 -14.49 -9.13
C TRP A 96 -10.26 -14.34 -7.63
N TYR A 97 -10.45 -13.13 -7.11
CA TYR A 97 -10.25 -12.85 -5.70
C TYR A 97 -11.19 -13.70 -4.86
N MET A 98 -12.41 -13.89 -5.36
CA MET A 98 -13.43 -14.60 -4.61
C MET A 98 -13.03 -16.06 -4.55
N GLN A 99 -12.56 -16.58 -5.66
CA GLN A 99 -12.12 -17.95 -5.72
C GLN A 99 -10.93 -18.18 -4.79
N SER A 100 -10.01 -17.23 -4.73
CA SER A 100 -8.85 -17.35 -3.86
C SER A 100 -9.28 -17.34 -2.40
N PHE A 101 -10.08 -16.34 -2.05
CA PHE A 101 -10.65 -16.21 -0.71
C PHE A 101 -11.30 -17.52 -0.26
N LEU A 102 -12.19 -18.08 -1.08
CA LEU A 102 -12.87 -19.28 -0.70
C LEU A 102 -11.89 -20.44 -0.51
N GLU A 103 -10.83 -20.45 -1.30
CA GLU A 103 -9.85 -21.52 -1.27
C GLU A 103 -8.97 -21.50 -0.02
N LEU A 104 -8.74 -20.30 0.52
CA LEU A 104 -7.96 -20.16 1.73
C LEU A 104 -8.80 -20.46 2.98
N LEU A 105 -10.06 -20.04 2.94
CA LEU A 105 -10.99 -20.29 4.01
C LEU A 105 -11.21 -21.77 4.33
N GLU A 106 -10.96 -22.67 3.38
CA GLU A 106 -11.02 -24.10 3.67
C GLU A 106 -10.06 -24.58 4.73
N TYR A 107 -9.14 -23.74 5.16
CA TYR A 107 -8.06 -24.15 6.05
C TYR A 107 -8.29 -23.68 7.48
N GLU A 108 -9.27 -22.79 7.69
CA GLU A 108 -9.53 -22.17 9.02
C GLU A 108 -9.67 -23.16 10.17
N ASN A 109 -10.10 -24.39 9.85
CA ASN A 109 -10.27 -25.43 10.87
C ASN A 109 -9.48 -26.70 10.55
N LYS A 110 -8.41 -26.55 9.78
CA LYS A 110 -7.58 -27.70 9.48
C LYS A 110 -6.35 -27.65 10.38
N SER A 111 -5.98 -28.80 10.92
CA SER A 111 -4.90 -28.83 11.89
C SER A 111 -3.56 -28.76 11.19
N PRO A 112 -2.67 -27.88 11.68
CA PRO A 112 -1.26 -27.82 11.26
C PRO A 112 -0.48 -29.06 11.70
N GLU A 113 -1.04 -29.84 12.62
CA GLU A 113 -0.37 -31.05 13.11
C GLU A 113 -0.28 -32.12 12.02
N ASP A 114 -1.25 -32.12 11.10
CA ASP A 114 -1.17 -33.01 9.96
C ASP A 114 -0.27 -32.37 8.91
N PRO A 115 0.76 -33.10 8.46
CA PRO A 115 1.68 -32.65 7.40
C PRO A 115 1.03 -32.46 6.03
N GLN A 116 -0.01 -33.27 5.72
CA GLN A 116 -0.76 -33.17 4.47
C GLN A 116 -1.36 -31.78 4.27
N VAL A 117 -2.04 -31.28 5.30
CA VAL A 117 -2.58 -29.93 5.33
C VAL A 117 -1.50 -28.94 4.87
N LEU A 118 -0.40 -28.86 5.63
CA LEU A 118 0.74 -28.00 5.30
C LEU A 118 1.11 -28.06 3.83
N ASP A 119 1.22 -29.28 3.31
CA ASP A 119 1.64 -29.53 1.93
C ASP A 119 0.64 -28.98 0.89
N ASN A 120 -0.63 -29.35 1.02
CA ASN A 120 -1.69 -28.84 0.13
C ASN A 120 -1.87 -27.34 0.20
N PHE A 121 -1.68 -26.78 1.39
CA PHE A 121 -1.74 -25.35 1.61
C PHE A 121 -0.69 -24.68 0.75
N LEU A 122 0.50 -25.29 0.68
CA LEU A 122 1.58 -24.75 -0.13
C LEU A 122 1.17 -24.72 -1.60
N GLN A 123 0.57 -25.84 -2.06
CA GLN A 123 0.06 -25.95 -3.42
C GLN A 123 -1.00 -24.88 -3.68
N VAL A 124 -1.85 -24.66 -2.69
CA VAL A 124 -2.88 -23.64 -2.81
C VAL A 124 -2.27 -22.24 -2.99
N LEU A 125 -1.28 -21.89 -2.17
CA LEU A 125 -0.58 -20.62 -2.36
C LEU A 125 -0.04 -20.45 -3.79
N ILE A 126 0.60 -21.49 -4.32
CA ILE A 126 1.14 -21.47 -5.69
C ILE A 126 0.00 -21.21 -6.67
N LYS A 127 -1.07 -21.96 -6.47
CA LYS A 127 -2.27 -21.81 -7.28
C LYS A 127 -2.77 -20.37 -7.27
N VAL A 128 -2.88 -19.75 -6.10
CA VAL A 128 -3.53 -18.45 -6.08
C VAL A 128 -2.64 -17.44 -6.73
N ARG A 129 -1.33 -17.55 -6.48
CA ARG A 129 -0.37 -16.68 -7.13
C ARG A 129 -0.44 -16.73 -8.67
N ASN A 130 -0.47 -17.93 -9.26
CA ASN A 130 -0.60 -18.07 -10.72
C ASN A 130 -1.87 -17.43 -11.26
N ARG A 131 -2.98 -17.68 -10.57
CA ARG A 131 -4.26 -17.07 -10.87
C ARG A 131 -4.16 -15.54 -10.79
N HIS A 132 -3.35 -15.05 -9.84
CA HIS A 132 -3.19 -13.61 -9.66
C HIS A 132 -2.10 -13.01 -10.56
N ASN A 133 -1.62 -13.78 -11.55
CA ASN A 133 -0.57 -13.31 -12.46
C ASN A 133 -1.08 -12.23 -13.38
N ASP A 134 -2.27 -12.47 -13.93
CA ASP A 134 -2.90 -11.59 -14.89
C ASP A 134 -3.52 -10.33 -14.29
N VAL A 135 -3.76 -10.37 -12.99
CA VAL A 135 -4.54 -9.35 -12.28
C VAL A 135 -4.17 -7.88 -12.60
N VAL A 136 -2.88 -7.54 -12.53
CA VAL A 136 -2.42 -6.20 -12.87
C VAL A 136 -2.88 -5.74 -14.29
N PRO A 137 -2.45 -6.46 -15.36
CA PRO A 137 -3.01 -6.06 -16.70
C PRO A 137 -4.55 -6.15 -16.84
N THR A 138 -5.18 -7.16 -16.27
CA THR A 138 -6.66 -7.26 -16.36
C THR A 138 -7.37 -6.04 -15.75
N MET A 139 -6.88 -5.57 -14.61
CA MET A 139 -7.48 -4.38 -14.03
C MET A 139 -7.14 -3.15 -14.87
N ALA A 140 -5.92 -3.09 -15.38
CA ALA A 140 -5.57 -1.98 -16.26
C ALA A 140 -6.56 -1.93 -17.44
N GLN A 141 -6.72 -3.05 -18.17
CA GLN A 141 -7.65 -3.07 -19.30
C GLN A 141 -9.00 -2.60 -18.78
N GLY A 142 -9.40 -3.14 -17.62
CA GLY A 142 -10.57 -2.68 -16.95
C GLY A 142 -10.71 -1.18 -17.02
N VAL A 143 -9.82 -0.45 -16.34
CA VAL A 143 -10.01 1.00 -16.27
C VAL A 143 -9.75 1.74 -17.58
N ILE A 144 -8.90 1.17 -18.44
CA ILE A 144 -8.66 1.79 -19.74
C ILE A 144 -9.94 1.74 -20.56
N GLU A 145 -10.51 0.52 -20.65
CA GLU A 145 -11.80 0.25 -21.29
C GLU A 145 -12.81 1.28 -20.86
N TYR A 146 -12.85 1.54 -19.55
CA TYR A 146 -13.77 2.47 -18.93
C TYR A 146 -13.49 3.93 -19.24
N LYS A 147 -12.23 4.35 -19.09
CA LYS A 147 -11.86 5.74 -19.32
C LYS A 147 -12.18 6.14 -20.77
N GLU A 148 -11.88 5.26 -21.71
CA GLU A 148 -12.11 5.61 -23.12
C GLU A 148 -13.55 5.43 -23.60
N LYS A 149 -14.32 4.58 -22.93
CA LYS A 149 -15.70 4.30 -23.36
C LYS A 149 -16.75 5.16 -22.63
N PHE A 150 -16.49 5.51 -21.38
CA PHE A 150 -17.37 6.42 -20.63
C PHE A 150 -16.65 7.73 -20.39
N GLY A 151 -17.40 8.84 -20.42
CA GLY A 151 -16.86 10.17 -20.18
C GLY A 151 -16.22 10.21 -18.80
N PHE A 152 -15.21 11.04 -18.61
CA PHE A 152 -14.46 10.99 -17.36
C PHE A 152 -14.41 12.34 -16.64
N ASP A 153 -14.88 12.35 -15.38
CA ASP A 153 -14.86 13.56 -14.51
C ASP A 153 -13.91 13.40 -13.29
N PRO A 154 -13.41 14.54 -12.74
CA PRO A 154 -12.28 14.45 -11.78
C PRO A 154 -12.63 13.85 -10.41
N PHE A 155 -13.89 14.01 -9.97
CA PHE A 155 -14.37 13.30 -8.78
C PHE A 155 -14.04 11.82 -8.94
N ILE A 156 -14.44 11.24 -10.07
CA ILE A 156 -14.28 9.81 -10.31
C ILE A 156 -12.82 9.44 -10.63
N SER A 157 -12.06 10.43 -11.11
CA SER A 157 -10.68 10.18 -11.47
C SER A 157 -9.78 9.97 -10.26
N THR A 158 -9.84 10.89 -9.30
CA THR A 158 -9.05 10.80 -8.06
C THR A 158 -9.49 9.60 -7.25
N ASN A 159 -10.72 9.17 -7.50
CA ASN A 159 -11.24 7.96 -6.87
C ASN A 159 -10.65 6.69 -7.41
N ILE A 160 -10.46 6.66 -8.71
CA ILE A 160 -9.86 5.49 -9.35
C ILE A 160 -8.38 5.43 -8.95
N GLN A 161 -7.76 6.59 -8.94
CA GLN A 161 -6.43 6.75 -8.45
C GLN A 161 -6.28 6.13 -7.04
N TYR A 162 -7.19 6.53 -6.15
CA TYR A 162 -7.14 6.13 -4.74
C TYR A 162 -7.33 4.62 -4.65
N PHE A 163 -8.26 4.11 -5.45
CA PHE A 163 -8.53 2.70 -5.48
C PHE A 163 -7.36 1.94 -5.98
N LEU A 164 -6.81 2.37 -7.11
CA LEU A 164 -5.68 1.65 -7.72
C LEU A 164 -4.40 1.60 -6.83
N ASP A 165 -3.99 2.73 -6.26
CA ASP A 165 -2.89 2.72 -5.30
C ASP A 165 -3.11 1.63 -4.26
N ARG A 166 -4.33 1.60 -3.69
CA ARG A 166 -4.61 0.64 -2.61
C ARG A 166 -4.68 -0.76 -3.16
N PHE A 167 -5.37 -0.94 -4.28
CA PHE A 167 -5.57 -2.26 -4.82
C PHE A 167 -4.22 -2.86 -5.22
N TYR A 168 -3.36 -2.08 -5.87
CA TYR A 168 -2.07 -2.61 -6.22
C TYR A 168 -1.12 -2.78 -5.03
N THR A 169 -1.18 -1.90 -4.06
CA THR A 169 -0.44 -2.14 -2.83
C THR A 169 -0.79 -3.48 -2.16
N ASN A 170 -2.07 -3.83 -2.00
CA ASN A 170 -2.36 -5.15 -1.50
C ASN A 170 -1.79 -6.27 -2.34
N ARG A 171 -1.81 -6.11 -3.68
CA ARG A 171 -1.27 -7.15 -4.55
C ARG A 171 0.20 -7.37 -4.26
N ILE A 172 0.94 -6.28 -4.03
CA ILE A 172 2.36 -6.38 -3.70
C ILE A 172 2.50 -7.19 -2.40
N SER A 173 1.68 -6.82 -1.42
CA SER A 173 1.70 -7.48 -0.15
C SER A 173 1.32 -8.97 -0.22
N PHE A 174 0.27 -9.37 -0.98
CA PHE A 174 -0.02 -10.84 -1.05
C PHE A 174 1.19 -11.55 -1.62
N ARG A 175 1.84 -10.90 -2.58
CA ARG A 175 2.86 -11.58 -3.28
C ARG A 175 4.05 -11.71 -2.36
N MET A 176 4.32 -10.64 -1.61
CA MET A 176 5.34 -10.69 -0.58
C MET A 176 5.06 -11.88 0.34
N LEU A 177 3.86 -11.95 0.95
CA LEU A 177 3.59 -13.05 1.87
C LEU A 177 3.75 -14.42 1.24
N ILE A 178 3.16 -14.63 0.06
CA ILE A 178 3.16 -15.94 -0.58
C ILE A 178 4.58 -16.34 -0.98
N ASN A 179 5.37 -15.36 -1.40
CA ASN A 179 6.73 -15.63 -1.76
C ASN A 179 7.56 -16.12 -0.58
N GLN A 180 7.33 -15.53 0.60
CA GLN A 180 8.12 -15.89 1.77
C GLN A 180 7.84 -17.34 2.11
N HIS A 181 6.58 -17.68 2.23
CA HIS A 181 6.22 -19.04 2.57
C HIS A 181 6.75 -20.08 1.55
N THR A 182 6.51 -19.86 0.25
CA THR A 182 6.90 -20.85 -0.75
C THR A 182 8.42 -20.95 -0.85
N LEU A 183 9.11 -19.82 -0.78
CA LEU A 183 10.57 -19.87 -0.84
C LEU A 183 11.14 -20.58 0.37
N LEU A 184 10.54 -20.36 1.53
CA LEU A 184 11.01 -20.98 2.75
C LEU A 184 10.71 -22.46 2.81
N PHE A 185 9.48 -22.84 2.51
CA PHE A 185 9.03 -24.20 2.80
C PHE A 185 8.72 -25.00 1.55
N GLY A 186 8.95 -24.40 0.38
CA GLY A 186 8.85 -25.09 -0.90
C GLY A 186 9.79 -26.26 -0.95
N GLY A 187 10.78 -26.27 -0.04
CA GLY A 187 11.73 -27.37 0.09
C GLY A 187 12.70 -27.48 -1.08
N ASP A 188 12.74 -26.43 -1.90
CA ASP A 188 13.60 -26.38 -3.07
C ASP A 188 15.07 -26.32 -2.67
N THR A 189 15.73 -27.48 -2.73
CA THR A 189 17.15 -27.64 -2.33
C THR A 189 18.10 -27.26 -3.47
N ASN A 190 17.73 -26.20 -4.20
CA ASN A 190 18.51 -25.71 -5.34
C ASN A 190 18.26 -24.20 -5.55
N PRO A 191 18.24 -23.41 -4.44
CA PRO A 191 17.70 -22.05 -4.51
C PRO A 191 18.56 -21.10 -5.33
N VAL A 192 17.90 -20.33 -6.21
CA VAL A 192 18.51 -19.30 -7.05
C VAL A 192 19.44 -18.35 -6.26
N HIS A 193 18.98 -17.88 -5.10
CA HIS A 193 19.76 -16.95 -4.28
C HIS A 193 19.99 -17.49 -2.87
N PRO A 194 21.06 -18.29 -2.71
CA PRO A 194 21.23 -19.15 -1.53
C PRO A 194 21.27 -18.38 -0.19
N LYS A 195 22.05 -17.30 -0.11
CA LYS A 195 22.27 -16.62 1.17
C LYS A 195 21.13 -15.68 1.62
N HIS A 196 20.06 -15.60 0.80
CA HIS A 196 18.87 -14.80 1.08
C HIS A 196 17.94 -15.42 2.12
N ILE A 197 16.92 -14.70 2.53
CA ILE A 197 15.91 -15.25 3.46
C ILE A 197 14.53 -15.06 2.81
N GLY A 198 14.06 -16.09 2.14
CA GLY A 198 13.00 -15.93 1.16
C GLY A 198 13.48 -14.97 0.10
N SER A 199 12.76 -13.88 -0.09
CA SER A 199 13.17 -12.90 -1.08
C SER A 199 13.88 -11.72 -0.46
N ILE A 200 14.10 -11.76 0.85
CA ILE A 200 14.90 -10.73 1.50
C ILE A 200 16.43 -10.97 1.44
N ASP A 201 17.17 -9.92 1.08
CA ASP A 201 18.62 -9.95 1.12
C ASP A 201 19.13 -9.16 2.33
N PRO A 202 19.82 -9.85 3.28
CA PRO A 202 20.35 -9.19 4.47
C PRO A 202 21.48 -8.20 4.16
N THR A 203 22.15 -8.39 3.03
CA THR A 203 23.24 -7.49 2.64
C THR A 203 23.10 -7.10 1.18
N CYS A 204 22.05 -6.37 0.90
CA CYS A 204 21.81 -5.88 -0.44
C CYS A 204 22.71 -4.69 -0.73
N ASN A 205 23.61 -4.89 -1.69
CA ASN A 205 24.52 -3.84 -2.09
C ASN A 205 23.79 -2.93 -3.08
N VAL A 206 23.64 -1.67 -2.72
CA VAL A 206 22.69 -0.80 -3.40
C VAL A 206 23.22 -0.35 -4.75
N ALA A 207 24.51 -0.04 -4.82
CA ALA A 207 25.06 0.42 -6.05
C ALA A 207 25.00 -0.70 -7.10
N ASP A 208 25.13 -1.96 -6.68
CA ASP A 208 25.03 -3.08 -7.64
C ASP A 208 23.65 -3.20 -8.25
N VAL A 209 22.61 -2.97 -7.44
CA VAL A 209 21.26 -3.00 -7.99
C VAL A 209 21.05 -1.79 -8.91
N VAL A 210 21.51 -0.61 -8.49
CA VAL A 210 21.55 0.54 -9.41
C VAL A 210 22.24 0.20 -10.77
N LYS A 211 23.43 -0.40 -10.74
CA LYS A 211 24.11 -0.69 -12.00
C LYS A 211 23.31 -1.65 -12.88
N ASP A 212 22.72 -2.67 -12.26
CA ASP A 212 21.94 -3.66 -12.99
C ASP A 212 20.70 -3.03 -13.59
N ALA A 213 19.99 -2.24 -12.80
CA ALA A 213 18.77 -1.61 -13.28
C ALA A 213 19.14 -0.74 -14.46
N TYR A 214 20.24 0.00 -14.32
CA TYR A 214 20.72 0.82 -15.40
C TYR A 214 21.09 0.03 -16.66
N GLU A 215 21.93 -1.00 -16.55
CA GLU A 215 22.29 -1.70 -17.76
C GLU A 215 21.01 -2.18 -18.47
N THR A 216 19.98 -2.57 -17.71
CA THR A 216 18.85 -3.18 -18.39
C THR A 216 17.94 -2.16 -19.02
N ALA A 217 17.81 -1.01 -18.40
CA ALA A 217 17.21 0.13 -19.08
C ALA A 217 17.99 0.56 -20.35
N LYS A 218 19.32 0.66 -20.25
CA LYS A 218 20.18 1.08 -21.39
C LYS A 218 19.89 0.27 -22.64
N MET A 219 19.92 -1.04 -22.48
CA MET A 219 19.61 -2.00 -23.50
C MET A 219 18.36 -1.62 -24.27
N LEU A 220 17.29 -1.26 -23.55
CA LEU A 220 16.01 -1.00 -24.17
C LEU A 220 16.00 0.34 -24.88
N CYS A 221 16.62 1.33 -24.26
CA CYS A 221 16.81 2.64 -24.86
C CYS A 221 17.74 2.58 -26.08
N GLU A 222 18.78 1.76 -25.99
CA GLU A 222 19.72 1.66 -27.07
C GLU A 222 19.05 0.98 -28.23
N GLN A 223 18.16 0.03 -27.95
CA GLN A 223 17.49 -0.71 -29.03
C GLN A 223 16.60 0.18 -29.89
N TYR A 224 16.05 1.23 -29.33
CA TYR A 224 15.10 1.98 -30.10
C TYR A 224 15.66 3.34 -30.49
N TYR A 225 16.34 3.99 -29.55
CA TYR A 225 16.98 5.27 -29.85
C TYR A 225 18.39 5.21 -30.49
N LEU A 226 18.99 4.03 -30.58
CA LEU A 226 20.35 3.82 -31.12
C LEU A 226 21.43 4.52 -30.31
N VAL A 227 21.16 4.76 -29.02
CA VAL A 227 22.02 5.56 -28.17
C VAL A 227 21.39 5.66 -26.81
N ALA A 228 22.21 5.88 -25.76
CA ALA A 228 21.74 5.93 -24.36
C ALA A 228 22.76 6.67 -23.49
N PRO A 229 22.31 7.52 -22.53
CA PRO A 229 23.34 8.19 -21.69
C PRO A 229 24.18 7.25 -20.84
N GLU A 230 25.35 7.70 -20.43
CA GLU A 230 26.16 6.96 -19.46
C GLU A 230 25.59 7.16 -18.05
N LEU A 231 25.80 6.16 -17.21
CA LEU A 231 25.53 6.25 -15.79
C LEU A 231 26.78 6.77 -15.11
N GLU A 232 26.62 7.68 -14.15
CA GLU A 232 27.65 7.97 -13.13
C GLU A 232 27.01 7.74 -11.76
N VAL A 233 27.70 6.98 -10.90
CA VAL A 233 27.22 6.63 -9.56
C VAL A 233 28.13 7.22 -8.53
N GLU A 234 27.58 7.75 -7.47
CA GLU A 234 28.39 8.31 -6.40
C GLU A 234 27.73 7.85 -5.09
N GLU A 235 28.52 7.67 -4.03
CA GLU A 235 28.03 7.22 -2.72
C GLU A 235 28.49 8.10 -1.58
N PHE A 236 27.68 8.21 -0.54
CA PHE A 236 28.16 8.79 0.71
C PHE A 236 27.49 8.08 1.85
N ASN A 237 28.27 7.31 2.58
CA ASN A 237 27.80 6.53 3.71
C ASN A 237 28.14 7.32 4.98
N ALA A 238 27.25 8.23 5.39
CA ALA A 238 27.51 9.05 6.58
C ALA A 238 27.63 8.16 7.81
N LYS A 239 26.92 7.02 7.77
CA LYS A 239 26.93 6.04 8.84
C LYS A 239 28.33 5.55 9.11
N ALA A 240 29.07 5.21 8.04
CA ALA A 240 30.49 4.75 8.10
C ALA A 240 31.21 5.04 6.77
N PRO A 241 31.82 6.23 6.64
CA PRO A 241 32.35 6.87 5.41
C PRO A 241 32.89 6.07 4.21
N ASP A 242 33.92 5.25 4.35
CA ASP A 242 34.45 4.58 3.14
C ASP A 242 33.70 3.31 2.72
N LYS A 243 32.74 2.88 3.53
CA LYS A 243 32.16 1.56 3.38
C LYS A 243 31.04 1.53 2.30
N PRO A 244 31.02 0.48 1.46
CA PRO A 244 29.92 0.35 0.51
C PRO A 244 28.55 0.35 1.21
N ILE A 245 27.54 0.88 0.54
CA ILE A 245 26.24 1.07 1.17
C ILE A 245 25.38 -0.20 1.05
N GLN A 246 25.06 -0.82 2.17
CA GLN A 246 24.22 -2.02 2.12
C GLN A 246 23.01 -1.81 2.97
N VAL A 247 21.92 -2.50 2.64
CA VAL A 247 20.66 -2.40 3.38
C VAL A 247 19.99 -3.77 3.33
N VAL A 248 19.13 -4.02 4.30
CA VAL A 248 18.32 -5.24 4.31
C VAL A 248 17.07 -4.93 3.50
N TYR A 249 16.85 -5.64 2.39
CA TYR A 249 15.75 -5.27 1.50
C TYR A 249 15.36 -6.37 0.51
N VAL A 250 14.24 -6.18 -0.18
CA VAL A 250 13.83 -7.10 -1.25
C VAL A 250 14.46 -6.53 -2.53
N PRO A 251 15.45 -7.23 -3.08
CA PRO A 251 16.17 -6.65 -4.21
C PRO A 251 15.26 -6.36 -5.39
N SER A 252 14.39 -7.29 -5.73
CA SER A 252 13.51 -7.08 -6.87
C SER A 252 12.64 -5.81 -6.74
N HIS A 253 12.24 -5.42 -5.53
CA HIS A 253 11.50 -4.17 -5.42
C HIS A 253 12.37 -2.98 -5.76
N LEU A 254 13.55 -2.93 -5.16
CA LEU A 254 14.52 -1.89 -5.44
C LEU A 254 14.83 -1.84 -6.94
N PHE A 255 15.06 -3.01 -7.52
CA PHE A 255 15.38 -3.07 -8.94
C PHE A 255 14.28 -2.40 -9.76
N HIS A 256 13.03 -2.76 -9.49
CA HIS A 256 11.89 -2.25 -10.22
C HIS A 256 11.82 -0.72 -10.20
N MET A 257 11.97 -0.11 -9.03
CA MET A 257 11.87 1.33 -8.94
C MET A 257 12.93 2.01 -9.79
N LEU A 258 14.17 1.51 -9.70
CA LEU A 258 15.31 2.08 -10.37
C LEU A 258 15.17 1.96 -11.90
N PHE A 259 14.79 0.76 -12.31
CA PHE A 259 14.61 0.48 -13.71
C PHE A 259 13.65 1.52 -14.29
N GLU A 260 12.58 1.76 -13.56
CA GLU A 260 11.52 2.56 -14.08
C GLU A 260 11.96 4.04 -14.11
N LEU A 261 12.75 4.48 -13.14
CA LEU A 261 13.12 5.87 -13.13
C LEU A 261 14.16 6.13 -14.21
N PHE A 262 15.06 5.14 -14.40
CA PHE A 262 16.07 5.21 -15.42
C PHE A 262 15.46 5.25 -16.84
N LYS A 263 14.48 4.38 -17.15
CA LYS A 263 13.83 4.50 -18.47
C LYS A 263 13.29 5.92 -18.68
N ASN A 264 12.67 6.51 -17.65
CA ASN A 264 12.13 7.87 -17.81
C ASN A 264 13.25 8.86 -18.10
N SER A 265 14.36 8.73 -17.38
CA SER A 265 15.47 9.66 -17.51
C SER A 265 16.15 9.55 -18.89
N MET A 266 16.28 8.33 -19.36
CA MET A 266 16.95 8.08 -20.59
C MET A 266 16.13 8.63 -21.75
N ARG A 267 14.84 8.30 -21.78
CA ARG A 267 13.91 8.90 -22.75
C ARG A 267 13.99 10.42 -22.73
N ALA A 268 13.87 11.02 -21.55
CA ALA A 268 13.82 12.47 -21.51
C ALA A 268 15.10 13.10 -22.11
N THR A 269 16.26 12.55 -21.72
CA THR A 269 17.57 13.04 -22.15
C THR A 269 17.76 12.87 -23.67
N VAL A 270 17.56 11.64 -24.13
CA VAL A 270 17.70 11.29 -25.53
C VAL A 270 16.76 12.12 -26.41
N GLU A 271 15.50 12.26 -26.01
CA GLU A 271 14.61 13.11 -26.81
C GLU A 271 15.03 14.60 -26.88
N LEU A 272 15.43 15.17 -25.77
CA LEU A 272 15.89 16.53 -25.77
C LEU A 272 17.10 16.80 -26.68
N TYR A 273 18.02 15.83 -26.76
CA TYR A 273 19.32 16.06 -27.40
C TYR A 273 19.49 15.50 -28.80
N GLU A 274 18.46 14.82 -29.32
CA GLU A 274 18.58 14.22 -30.63
C GLU A 274 18.71 15.26 -31.75
N ASP A 275 18.34 16.51 -31.46
CA ASP A 275 18.39 17.63 -32.41
C ASP A 275 19.46 18.64 -31.98
N ARG A 276 20.28 18.29 -30.98
CA ARG A 276 21.32 19.18 -30.46
C ARG A 276 22.69 18.75 -30.96
N LYS A 277 23.67 19.60 -30.70
CA LYS A 277 25.09 19.36 -30.98
C LYS A 277 25.92 19.05 -29.73
N GLU A 278 25.31 19.30 -28.57
CA GLU A 278 25.96 19.21 -27.26
C GLU A 278 26.41 17.80 -26.93
N GLY A 279 25.72 16.78 -27.39
CA GLY A 279 26.10 15.46 -26.92
C GLY A 279 25.47 15.20 -25.55
N TYR A 280 25.25 13.94 -25.24
CA TYR A 280 24.32 13.56 -24.19
C TYR A 280 24.85 13.64 -22.73
N PRO A 281 24.17 14.42 -21.87
CA PRO A 281 24.66 14.41 -20.49
C PRO A 281 24.40 13.06 -19.84
N ALA A 282 25.23 12.69 -18.88
CA ALA A 282 25.04 11.46 -18.14
C ALA A 282 23.75 11.53 -17.28
N VAL A 283 23.38 10.35 -16.77
CA VAL A 283 22.39 10.23 -15.73
C VAL A 283 23.19 9.98 -14.47
N LYS A 284 23.07 10.90 -13.51
CA LYS A 284 23.82 10.81 -12.24
C LYS A 284 23.01 10.15 -11.12
N THR A 285 23.56 9.11 -10.49
CA THR A 285 22.98 8.57 -9.30
C THR A 285 23.81 8.86 -8.07
N LEU A 286 23.20 9.52 -7.09
CA LEU A 286 23.76 9.68 -5.73
C LEU A 286 23.05 8.77 -4.69
N VAL A 287 23.80 7.86 -4.10
CA VAL A 287 23.27 6.99 -3.05
C VAL A 287 23.81 7.44 -1.69
N THR A 288 22.94 7.82 -0.74
CA THR A 288 23.40 8.24 0.58
C THR A 288 22.82 7.38 1.71
N LEU A 289 23.50 7.35 2.87
CA LEU A 289 23.00 6.61 4.03
C LEU A 289 23.19 7.43 5.30
N GLY A 290 22.09 7.72 6.01
CA GLY A 290 22.09 8.46 7.28
C GLY A 290 21.57 7.62 8.44
N LYS A 291 21.32 8.25 9.59
CA LYS A 291 20.75 7.52 10.73
C LYS A 291 19.41 6.83 10.40
N GLU A 292 18.55 7.48 9.63
CA GLU A 292 17.22 6.96 9.35
C GLU A 292 16.98 6.56 7.91
N ASP A 293 17.54 7.31 6.96
CA ASP A 293 17.18 7.12 5.55
C ASP A 293 18.30 6.54 4.70
N LEU A 294 17.93 5.64 3.80
CA LEU A 294 18.77 5.39 2.65
C LEU A 294 18.13 6.15 1.46
N SER A 295 18.87 7.12 0.93
CA SER A 295 18.34 7.93 -0.15
C SER A 295 19.09 7.67 -1.43
N ILE A 296 18.36 7.58 -2.54
CA ILE A 296 18.94 7.37 -3.87
C ILE A 296 18.41 8.45 -4.80
N LYS A 297 19.27 9.38 -5.25
CA LYS A 297 18.82 10.44 -6.12
C LYS A 297 19.31 10.24 -7.55
N ILE A 298 18.35 10.07 -8.48
CA ILE A 298 18.60 10.00 -9.92
C ILE A 298 18.32 11.36 -10.58
N SER A 299 19.37 11.95 -11.16
CA SER A 299 19.33 13.31 -11.74
C SER A 299 19.59 13.26 -13.23
N ASP A 300 18.77 13.97 -13.98
CA ASP A 300 19.00 14.02 -15.41
C ASP A 300 18.96 15.45 -15.86
N LEU A 301 19.58 15.74 -17.00
CA LEU A 301 19.41 17.06 -17.62
C LEU A 301 18.46 16.95 -18.82
N GLY A 302 17.36 16.26 -18.60
CA GLY A 302 16.44 15.97 -19.67
C GLY A 302 15.36 16.99 -19.90
N GLY A 303 15.53 18.23 -19.40
CA GLY A 303 14.59 19.31 -19.70
C GLY A 303 13.52 19.60 -18.65
N GLY A 304 13.22 18.61 -17.79
CA GLY A 304 12.33 18.85 -16.65
C GLY A 304 10.86 18.93 -17.04
N VAL A 305 10.01 19.31 -16.09
CA VAL A 305 8.56 19.26 -16.19
C VAL A 305 8.02 20.50 -15.46
N PRO A 306 7.09 21.22 -16.07
CA PRO A 306 6.66 22.42 -15.34
C PRO A 306 5.95 22.02 -14.03
N LEU A 307 6.00 22.88 -13.01
CA LEU A 307 5.43 22.54 -11.70
C LEU A 307 3.97 22.07 -11.81
N ARG A 308 3.16 22.82 -12.57
CA ARG A 308 1.74 22.50 -12.77
C ARG A 308 1.49 21.04 -13.08
N LYS A 309 2.44 20.36 -13.69
CA LYS A 309 2.20 19.01 -14.17
C LYS A 309 2.77 17.92 -13.25
N ILE A 310 3.57 18.30 -12.26
CA ILE A 310 4.22 17.31 -11.42
C ILE A 310 3.24 16.30 -10.80
N ASP A 311 2.14 16.74 -10.18
CA ASP A 311 1.28 15.73 -9.58
C ASP A 311 0.72 14.72 -10.57
N ARG A 312 0.26 15.19 -11.72
CA ARG A 312 -0.38 14.27 -12.60
C ARG A 312 0.59 13.27 -13.18
N LEU A 313 1.89 13.53 -13.09
CA LEU A 313 2.83 12.52 -13.57
C LEU A 313 2.52 11.19 -12.89
N PHE A 314 2.00 11.25 -11.66
CA PHE A 314 1.72 10.07 -10.87
C PHE A 314 0.33 9.48 -11.13
N ASN A 315 -0.43 10.01 -12.09
CA ASN A 315 -1.73 9.39 -12.40
C ASN A 315 -1.52 8.14 -13.21
N TYR A 316 -2.24 7.08 -12.88
CA TYR A 316 -2.19 5.91 -13.69
C TYR A 316 -2.53 6.36 -15.08
N MET A 317 -1.70 5.95 -16.02
CA MET A 317 -1.91 6.16 -17.45
C MET A 317 -1.76 7.62 -17.94
N TYR A 318 -1.19 8.48 -17.12
CA TYR A 318 -0.74 9.74 -17.66
C TYR A 318 0.59 9.46 -18.40
N SER A 319 0.59 9.68 -19.70
CA SER A 319 1.81 9.51 -20.46
C SER A 319 1.98 10.54 -21.54
N THR A 320 3.22 10.93 -21.81
CA THR A 320 3.49 11.78 -22.98
C THR A 320 4.09 11.01 -24.14
N ALA A 321 4.27 9.70 -23.99
CA ALA A 321 4.74 8.88 -25.11
C ALA A 321 3.58 8.51 -26.03
N PRO A 322 3.85 8.39 -27.37
CA PRO A 322 2.87 7.79 -28.28
C PRO A 322 2.06 6.70 -27.58
N ARG A 323 0.74 6.89 -27.54
CA ARG A 323 -0.18 6.00 -26.85
C ARG A 323 -0.79 4.98 -27.82
N PRO A 333 7.62 3.19 -27.89
CA PRO A 333 8.87 3.54 -27.21
C PRO A 333 9.03 2.88 -25.82
N LEU A 334 9.98 3.40 -25.03
CA LEU A 334 10.17 3.03 -23.60
C LEU A 334 8.91 3.30 -22.72
N ALA A 335 8.19 4.35 -23.09
CA ALA A 335 6.99 4.82 -22.42
C ALA A 335 5.71 4.47 -23.21
N GLY A 336 4.55 4.62 -22.57
CA GLY A 336 3.27 4.32 -23.18
C GLY A 336 2.18 4.11 -22.14
N PHE A 337 2.42 3.16 -21.23
CA PHE A 337 1.43 2.73 -20.24
C PHE A 337 1.09 3.77 -19.15
N GLY A 338 2.09 4.45 -18.62
CA GLY A 338 1.85 5.41 -17.57
C GLY A 338 1.78 4.76 -16.20
N TYR A 339 2.42 3.61 -16.03
CA TYR A 339 2.36 2.86 -14.77
C TYR A 339 3.66 2.99 -13.98
N GLY A 340 4.73 3.34 -14.68
CA GLY A 340 6.05 3.31 -14.11
C GLY A 340 6.22 4.12 -12.87
N LEU A 341 5.73 5.35 -12.90
CA LEU A 341 5.93 6.23 -11.78
C LEU A 341 5.01 5.92 -10.57
N PRO A 342 3.69 5.69 -10.79
CA PRO A 342 2.92 5.42 -9.58
C PRO A 342 3.24 4.06 -8.98
N ILE A 343 3.46 3.03 -9.81
CA ILE A 343 3.81 1.71 -9.26
C ILE A 343 5.13 1.79 -8.50
N SER A 344 6.07 2.59 -9.01
CA SER A 344 7.35 2.65 -8.35
C SER A 344 7.12 3.31 -7.04
N ARG A 345 6.23 4.28 -7.00
CA ARG A 345 6.02 4.94 -5.74
C ARG A 345 5.30 4.01 -4.73
N LEU A 346 4.52 3.04 -5.19
CA LEU A 346 3.90 2.08 -4.30
C LEU A 346 4.96 1.18 -3.68
N TYR A 347 5.98 0.83 -4.45
CA TYR A 347 6.99 -0.04 -3.89
C TYR A 347 7.72 0.74 -2.82
N ALA A 348 8.03 2.01 -3.10
CA ALA A 348 8.71 2.80 -2.11
C ALA A 348 7.88 2.97 -0.81
N ARG A 349 6.57 3.28 -0.94
CA ARG A 349 5.77 3.56 0.25
C ARG A 349 5.46 2.22 0.96
N TYR A 350 5.54 1.09 0.26
CA TYR A 350 5.14 -0.18 0.85
C TYR A 350 5.88 -0.49 2.17
N PHE A 351 7.16 -0.14 2.27
CA PHE A 351 7.89 -0.41 3.50
C PHE A 351 8.28 0.87 4.21
N GLN A 352 7.42 1.88 4.11
CA GLN A 352 7.57 3.15 4.85
C GLN A 352 8.59 4.08 4.21
N GLY A 353 9.00 3.82 2.96
CA GLY A 353 9.83 4.76 2.19
C GLY A 353 8.97 5.71 1.39
N ASP A 354 9.51 6.28 0.32
CA ASP A 354 8.69 7.19 -0.53
C ASP A 354 9.44 7.44 -1.81
N LEU A 355 8.77 8.01 -2.81
CA LEU A 355 9.43 8.36 -4.07
C LEU A 355 8.94 9.75 -4.45
N LYS A 356 9.83 10.74 -4.57
CA LYS A 356 9.42 12.11 -4.83
C LYS A 356 10.18 12.70 -6.05
N LEU A 357 9.58 13.67 -6.73
CA LEU A 357 10.16 14.21 -7.94
C LEU A 357 10.16 15.70 -7.86
N TYR A 358 11.28 16.29 -8.29
N TYR A 358 11.26 16.31 -8.24
CA TYR A 358 11.48 17.73 -8.29
CA TYR A 358 11.17 17.72 -8.47
C TYR A 358 12.17 18.13 -9.60
C TYR A 358 11.96 18.00 -9.71
N SER A 359 11.60 19.11 -10.31
CA SER A 359 12.13 19.47 -11.60
C SER A 359 12.49 20.91 -11.57
N MET A 360 13.44 21.27 -12.43
CA MET A 360 13.70 22.68 -12.79
C MET A 360 13.37 22.73 -14.29
N GLU A 361 12.21 23.30 -14.62
CA GLU A 361 11.72 23.29 -15.99
C GLU A 361 12.69 24.05 -16.84
N GLY A 362 13.17 23.42 -17.91
CA GLY A 362 14.17 24.00 -18.78
C GLY A 362 15.56 23.39 -18.64
N VAL A 363 15.80 22.62 -17.57
CA VAL A 363 17.06 21.92 -17.35
C VAL A 363 16.89 20.42 -17.16
N GLY A 364 16.20 19.99 -16.10
CA GLY A 364 16.17 18.56 -15.76
C GLY A 364 15.39 18.21 -14.50
N THR A 365 15.47 16.95 -14.10
CA THR A 365 14.69 16.47 -12.99
C THR A 365 15.53 15.62 -12.01
N ASP A 366 15.19 15.71 -10.70
CA ASP A 366 15.63 14.79 -9.67
C ASP A 366 14.50 13.86 -9.21
N ALA A 367 14.76 12.56 -9.21
CA ALA A 367 13.80 11.60 -8.75
C ALA A 367 14.48 10.93 -7.55
N VAL A 368 13.85 10.94 -6.38
CA VAL A 368 14.51 10.42 -5.18
C VAL A 368 13.70 9.27 -4.54
N ILE A 369 14.34 8.11 -4.40
CA ILE A 369 13.79 7.00 -3.65
C ILE A 369 14.28 7.06 -2.21
N TYR A 370 13.36 7.05 -1.25
CA TYR A 370 13.75 7.03 0.15
C TYR A 370 13.41 5.68 0.73
N LEU A 371 14.39 4.98 1.31
CA LEU A 371 14.07 3.76 2.06
C LEU A 371 14.35 3.98 3.54
N LYS A 372 13.73 3.18 4.41
CA LYS A 372 14.20 3.08 5.79
C LYS A 372 15.59 2.43 5.85
N ALA A 373 16.50 3.07 6.58
CA ALA A 373 17.81 2.46 6.81
C ALA A 373 17.68 1.18 7.65
N LEU A 374 16.73 1.18 8.58
CA LEU A 374 16.59 0.15 9.59
C LEU A 374 15.45 -0.81 9.30
N SER A 375 15.75 -2.10 9.23
CA SER A 375 14.70 -3.05 8.95
C SER A 375 13.65 -3.06 10.09
N SER A 376 14.05 -2.70 11.29
CA SER A 376 13.13 -2.69 12.41
C SER A 376 12.08 -1.60 12.21
N GLU A 377 12.35 -0.69 11.29
CA GLU A 377 11.43 0.42 11.03
C GLU A 377 10.68 0.21 9.72
N SER A 378 10.98 -0.88 9.03
CA SER A 378 10.38 -1.08 7.73
C SER A 378 9.12 -1.92 7.82
N PHE A 379 8.02 -1.30 8.24
CA PHE A 379 6.74 -1.99 8.32
C PHE A 379 5.96 -1.87 7.01
N GLU A 380 5.32 -2.97 6.64
CA GLU A 380 4.29 -2.93 5.59
C GLU A 380 3.35 -1.78 5.85
N ARG A 381 2.96 -1.09 4.78
CA ARG A 381 1.94 -0.06 4.85
C ARG A 381 0.78 -0.51 3.98
N LEU A 382 -0.36 -0.79 4.60
CA LEU A 382 -1.38 -1.64 3.95
C LEU A 382 -2.72 -0.91 3.92
N PRO A 383 -3.49 -1.14 2.85
CA PRO A 383 -4.76 -0.45 2.82
C PRO A 383 -5.70 -1.11 3.82
N VAL A 384 -6.35 -0.32 4.67
CA VAL A 384 -7.39 -0.85 5.55
C VAL A 384 -8.81 -0.47 5.10
N PHE A 385 -9.71 -1.43 4.91
CA PHE A 385 -11.08 -1.02 4.66
C PHE A 385 -11.81 -0.72 6.00
N ASN A 386 -12.31 0.50 6.16
CA ASN A 386 -13.06 0.98 7.33
C ASN A 386 -13.91 2.16 6.88
N LYS A 387 -14.56 2.88 7.78
CA LYS A 387 -15.33 4.06 7.36
C LYS A 387 -14.53 5.14 6.62
N SER A 388 -13.29 5.36 7.03
CA SER A 388 -12.45 6.33 6.32
C SER A 388 -12.33 5.99 4.82
N ALA A 389 -12.03 4.75 4.51
CA ALA A 389 -11.97 4.36 3.13
C ALA A 389 -13.33 4.55 2.40
N TRP A 390 -14.41 4.07 3.02
CA TRP A 390 -15.73 4.16 2.47
C TRP A 390 -16.00 5.58 2.08
N ARG A 391 -15.64 6.50 2.97
CA ARG A 391 -15.88 7.89 2.75
C ARG A 391 -15.25 8.41 1.49
N HIS A 392 -14.04 7.94 1.17
CA HIS A 392 -13.35 8.33 -0.07
C HIS A 392 -14.15 7.98 -1.29
N TYR A 393 -14.82 6.83 -1.27
CA TYR A 393 -15.67 6.42 -2.40
C TYR A 393 -17.05 7.11 -2.47
N LYS A 394 -17.51 7.70 -1.38
CA LYS A 394 -18.84 8.29 -1.40
C LYS A 394 -18.74 9.77 -1.05
N THR A 395 -17.52 10.30 -1.14
CA THR A 395 -17.27 11.74 -1.14
C THR A 395 -18.17 12.36 -2.17
N THR A 396 -18.08 13.68 -2.28
CA THR A 396 -18.81 14.40 -3.28
C THR A 396 -18.06 15.70 -3.44
N PRO A 397 -18.01 16.23 -4.67
CA PRO A 397 -17.34 17.52 -4.86
C PRO A 397 -17.70 18.50 -3.74
N GLU A 398 -16.69 19.18 -3.22
CA GLU A 398 -16.91 20.21 -2.20
C GLU A 398 -16.43 21.56 -2.75
N ALA A 399 -16.88 22.67 -2.17
CA ALA A 399 -16.38 23.96 -2.67
C ALA A 399 -14.88 24.08 -2.38
N ASP A 400 -14.17 24.81 -3.22
CA ASP A 400 -12.81 25.06 -2.94
C ASP A 400 -12.72 26.08 -1.77
N ASP A 401 -12.06 25.60 -0.73
CA ASP A 401 -11.24 26.24 0.29
C ASP A 401 -10.59 27.56 -0.07
N TRP A 402 -10.02 27.61 -1.28
CA TRP A 402 -9.15 28.70 -1.69
C TRP A 402 -9.75 29.25 -2.97
N SER A 403 -9.47 30.52 -3.27
CA SER A 403 -10.07 31.18 -4.40
C SER A 403 -9.58 30.60 -5.72
N ASN A 404 -10.36 30.83 -6.78
CA ASN A 404 -9.94 30.61 -8.19
C ASN A 404 -10.30 31.87 -9.03
N PRO A 405 -9.45 32.20 -10.01
CA PRO A 405 -9.79 33.38 -10.84
C PRO A 405 -10.79 32.99 -11.91
N SER A 406 -11.39 34.00 -12.55
CA SER A 406 -12.19 33.79 -13.75
C SER A 406 -11.31 33.30 -14.89
N SER A 407 -11.89 32.53 -15.82
CA SER A 407 -11.17 32.09 -17.02
C SER A 407 -11.02 33.25 -18.00
N GLU A 408 -11.77 34.32 -17.78
CA GLU A 408 -11.67 35.56 -18.57
C GLU A 408 -11.68 36.77 -17.60
N PRO A 409 -10.53 37.07 -16.97
CA PRO A 409 -10.48 38.18 -16.00
C PRO A 409 -10.68 39.56 -16.64
N ARG A 410 -11.27 40.48 -15.90
CA ARG A 410 -11.42 41.87 -16.35
C ARG A 410 -10.10 42.54 -16.74
N ASP A 411 -10.04 43.06 -17.97
CA ASP A 411 -8.87 43.79 -18.46
C ASP A 411 -8.72 45.08 -17.66
N ALA A 412 -7.75 45.09 -16.75
CA ALA A 412 -7.49 46.26 -15.90
C ALA A 412 -7.01 47.53 -16.63
N SER A 413 -6.95 47.49 -17.97
CA SER A 413 -6.54 48.66 -18.79
C SER A 413 -7.66 49.71 -19.05
N LYS A 414 -8.80 49.55 -18.36
CA LYS A 414 -9.87 50.55 -18.21
C LYS A 414 -10.98 50.06 -17.25
N SER B 23 -35.08 2.69 36.35
CA SER B 23 -33.60 2.29 36.40
C SER B 23 -32.82 3.25 35.53
N TYR B 24 -31.74 2.76 34.92
CA TYR B 24 -31.04 3.54 33.92
C TYR B 24 -31.90 3.63 32.66
N PRO B 25 -31.68 4.68 31.83
CA PRO B 25 -32.46 4.76 30.59
C PRO B 25 -31.91 3.78 29.55
N PRO B 26 -32.68 3.49 28.48
CA PRO B 26 -32.17 2.65 27.39
C PRO B 26 -30.71 2.99 27.04
N HIS B 27 -29.86 1.97 27.05
CA HIS B 27 -28.45 2.14 26.79
C HIS B 27 -27.86 0.86 26.21
N MET B 28 -26.70 1.01 25.58
CA MET B 28 -25.97 -0.04 24.90
C MET B 28 -24.57 -0.08 25.51
N GLN B 29 -24.04 -1.27 25.75
CA GLN B 29 -22.64 -1.38 26.14
C GLN B 29 -21.75 -1.73 24.96
N VAL B 30 -20.75 -0.91 24.66
CA VAL B 30 -19.80 -1.28 23.60
C VAL B 30 -18.78 -2.29 24.12
N LEU B 31 -18.87 -3.52 23.63
CA LEU B 31 -17.93 -4.55 23.97
C LEU B 31 -16.72 -4.50 23.04
N LEU B 32 -15.58 -4.91 23.58
CA LEU B 32 -14.35 -5.00 22.78
C LEU B 32 -14.40 -6.24 21.87
N PRO B 33 -14.45 -6.04 20.52
CA PRO B 33 -14.56 -7.23 19.63
C PRO B 33 -13.19 -7.80 19.30
N ALA B 34 -13.15 -9.00 18.72
CA ALA B 34 -11.94 -9.45 18.00
C ALA B 34 -11.73 -8.62 16.72
N LEU B 35 -10.87 -7.62 16.80
CA LEU B 35 -10.67 -6.67 15.70
C LEU B 35 -9.70 -7.21 14.63
N SER B 36 -9.18 -8.41 14.88
CA SER B 36 -8.21 -9.09 14.04
C SER B 36 -8.51 -10.58 14.21
N PRO B 37 -8.22 -11.40 13.19
CA PRO B 37 -8.68 -12.78 13.40
C PRO B 37 -8.17 -13.47 14.68
N THR B 38 -7.04 -13.04 15.22
CA THR B 38 -6.41 -13.76 16.35
C THR B 38 -6.30 -12.95 17.62
N MET B 39 -6.72 -11.69 17.56
CA MET B 39 -6.77 -10.83 18.71
C MET B 39 -7.53 -11.52 19.86
N THR B 40 -6.94 -11.51 21.05
CA THR B 40 -7.62 -12.04 22.23
C THR B 40 -7.68 -11.00 23.35
N MET B 41 -6.93 -9.92 23.20
CA MET B 41 -6.93 -8.80 24.15
C MET B 41 -6.39 -7.58 23.43
N GLY B 42 -6.54 -6.42 24.04
CA GLY B 42 -6.01 -5.21 23.40
C GLY B 42 -5.80 -4.10 24.39
N THR B 43 -4.81 -3.25 24.14
CA THR B 43 -4.59 -2.09 24.99
C THR B 43 -5.46 -0.94 24.53
N VAL B 44 -6.18 -0.32 25.45
CA VAL B 44 -6.95 0.86 25.11
C VAL B 44 -5.97 2.00 25.12
N GLN B 45 -5.42 2.29 23.94
CA GLN B 45 -4.34 3.26 23.82
C GLN B 45 -4.80 4.70 23.95
N ARG B 46 -5.90 5.06 23.30
CA ARG B 46 -6.42 6.43 23.36
C ARG B 46 -7.94 6.48 23.16
N TRP B 47 -8.63 7.39 23.84
CA TRP B 47 -10.05 7.61 23.53
C TRP B 47 -10.14 8.73 22.54
N GLU B 48 -10.96 8.56 21.51
CA GLU B 48 -11.13 9.62 20.52
C GLU B 48 -12.41 10.42 20.66
N LYS B 49 -13.29 9.99 21.56
CA LYS B 49 -14.50 10.75 21.85
C LYS B 49 -14.58 11.07 23.34
N LYS B 50 -15.22 12.19 23.68
CA LYS B 50 -15.34 12.62 25.07
C LYS B 50 -16.73 12.32 25.63
N VAL B 51 -16.80 12.03 26.93
CA VAL B 51 -18.09 11.81 27.60
C VAL B 51 -19.00 13.02 27.30
N GLY B 52 -20.15 12.74 26.69
CA GLY B 52 -21.10 13.77 26.28
C GLY B 52 -21.12 14.10 24.80
N GLU B 53 -20.20 13.54 24.02
CA GLU B 53 -20.13 13.85 22.58
C GLU B 53 -21.04 12.97 21.73
N LYS B 54 -21.54 13.55 20.63
CA LYS B 54 -22.38 12.82 19.68
C LYS B 54 -21.57 11.72 19.00
N LEU B 55 -22.23 10.65 18.57
CA LEU B 55 -21.58 9.60 17.81
C LEU B 55 -22.44 9.18 16.63
N SER B 56 -21.87 9.23 15.44
CA SER B 56 -22.51 8.69 14.25
C SER B 56 -21.90 7.36 13.87
N GLU B 57 -22.67 6.55 13.17
CA GLU B 57 -22.17 5.29 12.66
C GLU B 57 -20.83 5.52 11.93
N GLY B 58 -19.75 4.93 12.44
CA GLY B 58 -18.46 5.00 11.76
C GLY B 58 -17.42 6.00 12.27
N ASP B 59 -17.79 6.92 13.14
CA ASP B 59 -16.82 7.79 13.83
C ASP B 59 -15.73 6.94 14.52
N LEU B 60 -14.57 7.55 14.66
CA LEU B 60 -13.46 6.91 15.35
C LEU B 60 -13.69 7.01 16.85
N LEU B 61 -13.68 5.87 17.53
CA LEU B 61 -13.96 5.83 18.97
C LEU B 61 -12.69 5.70 19.81
N ALA B 62 -11.76 4.83 19.41
CA ALA B 62 -10.55 4.59 20.20
C ALA B 62 -9.43 3.92 19.40
N GLU B 63 -8.17 4.22 19.74
CA GLU B 63 -7.05 3.43 19.24
C GLU B 63 -6.93 2.19 20.10
N ILE B 64 -7.04 1.02 19.50
CA ILE B 64 -6.80 -0.22 20.22
C ILE B 64 -5.49 -0.81 19.74
N GLU B 65 -4.55 -0.96 20.66
CA GLU B 65 -3.29 -1.52 20.32
C GLU B 65 -3.24 -2.99 20.63
N THR B 66 -2.79 -3.80 19.69
CA THR B 66 -2.42 -5.15 20.01
C THR B 66 -0.94 -5.41 19.73
N ASP B 67 -0.67 -6.70 19.66
CA ASP B 67 0.54 -7.38 19.32
C ASP B 67 0.95 -7.16 17.86
N LYS B 68 -0.05 -6.83 17.04
CA LYS B 68 0.06 -6.95 15.60
C LYS B 68 -0.19 -5.65 14.90
N ALA B 69 -0.94 -4.75 15.54
CA ALA B 69 -1.30 -3.47 14.92
C ALA B 69 -1.82 -2.46 15.94
N THR B 70 -1.86 -1.19 15.52
CA THR B 70 -2.63 -0.19 16.24
C THR B 70 -3.85 0.10 15.38
N ILE B 71 -4.99 -0.45 15.79
CA ILE B 71 -6.27 -0.41 15.08
C ILE B 71 -7.15 0.80 15.48
N GLY B 72 -7.73 1.49 14.49
CA GLY B 72 -8.73 2.53 14.78
C GLY B 72 -10.10 1.86 14.93
N PHE B 73 -10.60 1.77 16.16
CA PHE B 73 -11.89 1.22 16.45
C PHE B 73 -13.03 2.22 16.16
N GLU B 74 -13.94 1.83 15.27
CA GLU B 74 -15.04 2.71 14.85
C GLU B 74 -16.34 2.46 15.59
N VAL B 75 -17.07 3.51 15.95
CA VAL B 75 -18.45 3.37 16.49
C VAL B 75 -19.32 2.64 15.49
N GLN B 76 -19.94 1.55 15.95
CA GLN B 76 -20.90 0.86 15.11
C GLN B 76 -22.35 1.33 15.23
N GLU B 77 -22.68 2.16 16.23
CA GLU B 77 -24.08 2.59 16.39
C GLU B 77 -24.25 4.05 16.86
N GLU B 78 -25.09 4.80 16.16
CA GLU B 78 -25.24 6.21 16.47
C GLU B 78 -25.93 6.55 17.83
N GLY B 79 -25.39 7.54 18.53
CA GLY B 79 -25.94 7.98 19.81
C GLY B 79 -25.13 9.08 20.49
N TYR B 80 -24.87 8.87 21.79
CA TYR B 80 -24.07 9.77 22.63
C TYR B 80 -23.22 8.96 23.62
N LEU B 81 -21.96 9.37 23.82
CA LEU B 81 -21.07 8.72 24.79
C LEU B 81 -21.41 9.07 26.24
N ALA B 82 -21.95 8.09 26.99
CA ALA B 82 -22.44 8.34 28.37
C ALA B 82 -21.38 8.14 29.46
N LYS B 83 -20.64 7.04 29.38
CA LYS B 83 -19.61 6.72 30.36
C LYS B 83 -18.49 5.88 29.74
N ILE B 84 -17.24 6.18 30.10
CA ILE B 84 -16.08 5.34 29.76
C ILE B 84 -15.85 4.34 30.91
N LEU B 85 -16.04 3.05 30.61
CA LEU B 85 -15.84 1.99 31.61
C LEU B 85 -14.37 1.59 31.76
N VAL B 86 -13.60 1.71 30.67
CA VAL B 86 -12.21 1.28 30.69
C VAL B 86 -11.34 2.49 30.32
N PRO B 87 -10.58 3.03 31.29
CA PRO B 87 -9.74 4.21 31.03
C PRO B 87 -8.60 4.00 30.01
N GLU B 88 -8.16 5.10 29.41
CA GLU B 88 -6.97 5.14 28.54
C GLU B 88 -5.78 4.51 29.23
N GLY B 89 -5.01 3.73 28.47
CA GLY B 89 -3.80 3.18 29.04
C GLY B 89 -3.95 1.77 29.59
N THR B 90 -5.19 1.31 29.77
CA THR B 90 -5.41 -0.03 30.32
C THR B 90 -4.94 -1.07 29.33
N ARG B 91 -3.85 -1.75 29.67
CA ARG B 91 -3.32 -2.84 28.84
C ARG B 91 -4.17 -4.10 29.02
N ASP B 92 -4.15 -4.96 28.01
CA ASP B 92 -4.59 -6.37 28.16
C ASP B 92 -6.07 -6.57 28.47
N VAL B 93 -6.91 -5.69 27.94
CA VAL B 93 -8.35 -5.79 28.12
C VAL B 93 -8.92 -7.01 27.39
N PRO B 94 -9.55 -7.96 28.09
CA PRO B 94 -9.99 -9.14 27.33
C PRO B 94 -11.15 -8.89 26.35
N LEU B 95 -11.31 -9.76 25.38
CA LEU B 95 -12.45 -9.69 24.46
C LEU B 95 -13.72 -9.71 25.27
N GLY B 96 -14.65 -8.83 24.92
CA GLY B 96 -16.00 -8.84 25.48
C GLY B 96 -16.14 -7.89 26.66
N THR B 97 -15.03 -7.25 27.04
CA THR B 97 -15.10 -6.26 28.10
C THR B 97 -15.93 -5.08 27.63
N PRO B 98 -16.96 -4.68 28.41
CA PRO B 98 -17.65 -3.43 28.11
C PRO B 98 -16.63 -2.32 28.20
N LEU B 99 -16.45 -1.58 27.12
CA LEU B 99 -15.52 -0.46 27.17
C LEU B 99 -16.18 0.85 27.58
N CYS B 100 -17.46 1.02 27.25
CA CYS B 100 -18.17 2.29 27.45
C CYS B 100 -19.67 2.14 27.22
N ILE B 101 -20.41 3.23 27.44
CA ILE B 101 -21.87 3.19 27.33
C ILE B 101 -22.38 4.26 26.38
N ILE B 102 -23.34 3.86 25.55
CA ILE B 102 -23.96 4.71 24.54
C ILE B 102 -25.42 4.85 24.91
N VAL B 103 -25.95 6.05 24.77
CA VAL B 103 -27.38 6.28 24.94
C VAL B 103 -27.99 6.97 23.71
N GLU B 104 -29.31 6.95 23.60
CA GLU B 104 -30.03 7.40 22.40
C GLU B 104 -30.27 8.93 22.38
N LYS B 105 -30.26 9.60 23.53
CA LYS B 105 -30.49 11.05 23.59
C LYS B 105 -29.64 11.74 24.66
N GLU B 106 -29.30 13.00 24.43
CA GLU B 106 -28.28 13.64 25.25
C GLU B 106 -28.79 14.17 26.58
N ALA B 107 -30.07 13.98 26.86
CA ALA B 107 -30.60 14.25 28.18
C ALA B 107 -30.24 13.08 29.10
N ASP B 108 -30.06 11.91 28.49
CA ASP B 108 -29.87 10.66 29.22
C ASP B 108 -28.45 10.42 29.73
N ILE B 109 -27.54 11.35 29.42
CA ILE B 109 -26.15 11.22 29.84
C ILE B 109 -25.99 11.35 31.36
N SER B 110 -26.46 12.48 31.91
CA SER B 110 -26.31 12.78 33.34
C SER B 110 -26.69 11.61 34.26
N ALA B 111 -27.69 10.84 33.83
CA ALA B 111 -28.15 9.65 34.54
C ALA B 111 -27.05 8.58 34.76
N PHE B 112 -25.92 8.69 34.05
CA PHE B 112 -24.80 7.74 34.20
C PHE B 112 -23.59 8.26 34.97
N ALA B 113 -23.71 9.48 35.53
CA ALA B 113 -22.61 10.09 36.27
C ALA B 113 -21.97 9.12 37.29
N ASP B 114 -22.80 8.53 38.15
CA ASP B 114 -22.32 7.58 39.16
C ASP B 114 -22.44 6.11 38.75
N TYR B 115 -21.48 5.62 37.97
CA TYR B 115 -21.30 4.18 37.78
C TYR B 115 -19.83 3.79 37.78
N THR B 121 -35.74 -2.94 28.08
CA THR B 121 -35.51 -3.28 26.68
C THR B 121 -36.33 -2.39 25.73
N ASP B 122 -36.16 -1.08 25.89
CA ASP B 122 -36.82 -0.08 25.03
C ASP B 122 -35.83 0.58 24.03
N LEU B 123 -34.64 -0.01 23.88
CA LEU B 123 -33.70 0.36 22.80
C LEU B 123 -34.30 0.00 21.43
N LYS B 124 -35.35 -0.83 21.47
CA LYS B 124 -36.11 -1.34 20.31
C LYS B 124 -36.11 -0.42 19.10
#